data_5GRG
#
_entry.id   5GRG
#
_cell.length_a   55.246
_cell.length_b   67.432
_cell.length_c   115.017
_cell.angle_alpha   90.00
_cell.angle_beta   90.00
_cell.angle_gamma   90.00
#
_symmetry.space_group_name_H-M   'P 21 21 21'
#
loop_
_entity.id
_entity.type
_entity.pdbx_description
1 polymer 'HLA class I histocompatibility antigen, A-11 alpha chain'
2 polymer Beta-2-microglobulin
3 polymer 'Epstein Barr Virus, Latent Membrane Protein 2 epitope'
4 polymer 'Epstein Barr Virus, Latent Membrane Protein 2 epitope'
5 non-polymer GLYCEROL
6 water water
#
loop_
_entity_poly.entity_id
_entity_poly.type
_entity_poly.pdbx_seq_one_letter_code
_entity_poly.pdbx_strand_id
1 'polypeptide(L)'
;GSHSMRYFYTSVSRPGRGEPRFIAVGYVDDTQFVRFDSDAASQRMEPRAPWIEQEGPEYWDQETRNVKAQSQTDRVDLGT
LRGYYNQSEDGSHTIQIMYGCDVGPDGRFLRGYRQDAYDGKDYIALNEDLRSWTAADMAAQITKRKWEAAHAAEQQRAYL
EGRCVEWLRRYLENGKETLQRTDPPKTHMTHHPISDHEATLRCWALGFYPAEITLTWQRDGEDQTQDTELVETRPAGDGT
FQKWAAVVVPSGEEQRYTCHVQHEGLPKPLTLRWE
;
A
2 'polypeptide(L)'
;IQRTPKIQVYSRHPAENGKSNFLNCYVSGFHPSDIEVDLLKNGERIEKVEHSDLSFSKDWSFYLLYYTEFTPTEKDEYAC
RVNHVTLSQPKIVKWDRDM
;
B
3 'polypeptide(L)' SSCSSC C
4 'polypeptide(L)' PLSK D
#
loop_
_chem_comp.id
_chem_comp.type
_chem_comp.name
_chem_comp.formula
GOL non-polymer GLYCEROL 'C3 H8 O3'
#
# COMPACT_ATOMS: atom_id res chain seq x y z
N GLY A 1 16.96 -4.49 -12.41
CA GLY A 1 17.16 -5.36 -11.20
C GLY A 1 16.00 -6.36 -11.11
N SER A 2 15.66 -6.76 -9.90
CA SER A 2 14.59 -7.71 -9.65
C SER A 2 13.22 -7.03 -9.70
N HIS A 3 12.16 -7.82 -9.89
CA HIS A 3 10.81 -7.27 -9.97
C HIS A 3 9.86 -8.23 -9.32
N SER A 4 8.68 -7.75 -8.92
CA SER A 4 7.72 -8.55 -8.20
C SER A 4 6.38 -8.35 -8.85
N MET A 5 5.50 -9.35 -8.80
CA MET A 5 4.11 -9.15 -9.11
C MET A 5 3.31 -9.63 -7.89
N ARG A 6 2.29 -8.85 -7.45
CA ARG A 6 1.58 -9.19 -6.23
C ARG A 6 0.14 -8.93 -6.39
N TYR A 7 -0.70 -9.85 -5.91
CA TYR A 7 -2.10 -9.65 -5.83
C TYR A 7 -2.51 -9.56 -4.37
N PHE A 8 -3.43 -8.65 -4.09
CA PHE A 8 -3.95 -8.40 -2.75
C PHE A 8 -5.45 -8.44 -2.74
N TYR A 9 -5.99 -9.38 -1.97
CA TYR A 9 -7.41 -9.57 -1.85
C TYR A 9 -7.86 -9.25 -0.43
N THR A 10 -8.94 -8.51 -0.30
CA THR A 10 -9.57 -8.25 1.03
C THR A 10 -11.04 -8.63 0.94
N SER A 11 -11.52 -9.50 1.84
CA SER A 11 -12.97 -9.77 1.98
C SER A 11 -13.44 -9.37 3.35
N VAL A 12 -14.50 -8.55 3.43
CA VAL A 12 -14.97 -8.08 4.70
C VAL A 12 -16.46 -8.52 4.92
N SER A 13 -16.79 -9.25 5.98
CA SER A 13 -18.22 -9.55 6.21
C SER A 13 -18.95 -8.34 6.80
N ARG A 14 -20.24 -8.20 6.53
CA ARG A 14 -21.03 -7.08 7.04
C ARG A 14 -22.42 -7.66 7.37
N PRO A 15 -22.53 -8.32 8.55
CA PRO A 15 -23.74 -9.10 8.89
C PRO A 15 -25.01 -8.27 8.83
N GLY A 16 -26.05 -8.87 8.24
CA GLY A 16 -27.34 -8.22 8.03
C GLY A 16 -27.26 -6.96 7.18
N ARG A 17 -26.20 -6.84 6.38
CA ARG A 17 -26.09 -5.79 5.35
C ARG A 17 -25.67 -6.44 4.05
N GLY A 18 -26.19 -7.66 3.85
CA GLY A 18 -25.86 -8.47 2.70
C GLY A 18 -24.46 -9.07 2.67
N GLU A 19 -24.04 -9.36 1.44
CA GLU A 19 -22.81 -10.05 1.09
C GLU A 19 -21.54 -9.33 1.60
N PRO A 20 -20.50 -10.10 1.93
CA PRO A 20 -19.19 -9.51 2.11
C PRO A 20 -18.74 -8.67 0.95
N ARG A 21 -18.00 -7.63 1.26
CA ARG A 21 -17.34 -6.89 0.22
C ARG A 21 -16.01 -7.57 -0.10
N PHE A 22 -15.70 -7.65 -1.39
CA PHE A 22 -14.45 -8.17 -1.90
C PHE A 22 -13.78 -7.14 -2.79
N ILE A 23 -12.54 -6.79 -2.45
CA ILE A 23 -11.68 -5.96 -3.27
C ILE A 23 -10.38 -6.72 -3.64
N ALA A 24 -10.05 -6.74 -4.94
CA ALA A 24 -8.72 -7.16 -5.42
C ALA A 24 -7.92 -6.05 -6.08
N VAL A 25 -6.62 -6.00 -5.82
CA VAL A 25 -5.76 -5.13 -6.57
C VAL A 25 -4.57 -5.93 -6.99
N GLY A 26 -3.98 -5.59 -8.15
CA GLY A 26 -2.70 -6.17 -8.54
C GLY A 26 -1.62 -5.13 -8.78
N TYR A 27 -0.39 -5.49 -8.44
CA TYR A 27 0.77 -4.61 -8.57
C TYR A 27 1.87 -5.33 -9.29
N VAL A 28 2.63 -4.55 -10.07
CA VAL A 28 3.92 -4.90 -10.46
C VAL A 28 4.84 -3.92 -9.80
N ASP A 29 5.84 -4.39 -9.05
CA ASP A 29 6.64 -3.54 -8.22
C ASP A 29 5.74 -2.55 -7.44
N ASP A 30 5.96 -1.22 -7.59
CA ASP A 30 5.16 -0.19 -6.88
C ASP A 30 4.08 0.39 -7.70
N THR A 31 3.75 -0.26 -8.81
CA THR A 31 2.72 0.24 -9.70
C THR A 31 1.45 -0.65 -9.75
N GLN A 32 0.32 -0.09 -9.40
CA GLN A 32 -0.91 -0.80 -9.47
C GLN A 32 -1.38 -0.93 -10.90
N PHE A 33 -1.98 -2.08 -11.24
CA PHE A 33 -2.45 -2.26 -12.65
C PHE A 33 -3.81 -2.82 -12.86
N VAL A 34 -4.45 -3.44 -11.84
CA VAL A 34 -5.83 -3.93 -12.00
C VAL A 34 -6.49 -3.77 -10.69
N ARG A 35 -7.81 -3.66 -10.72
CA ARG A 35 -8.62 -3.79 -9.52
C ARG A 35 -9.94 -4.50 -9.82
N PHE A 36 -10.61 -4.94 -8.75
CA PHE A 36 -11.97 -5.45 -8.78
C PHE A 36 -12.64 -5.06 -7.48
N ASP A 37 -13.89 -4.63 -7.55
CA ASP A 37 -14.64 -4.26 -6.34
C ASP A 37 -16.03 -4.89 -6.47
N SER A 38 -16.36 -5.83 -5.59
CA SER A 38 -17.61 -6.55 -5.67
C SER A 38 -18.83 -5.64 -5.60
N ASP A 39 -18.69 -4.48 -5.00
CA ASP A 39 -19.78 -3.53 -4.89
C ASP A 39 -19.96 -2.61 -6.11
N ALA A 40 -18.91 -2.39 -6.92
CA ALA A 40 -19.00 -1.52 -8.08
C ALA A 40 -20.00 -2.07 -9.12
N ALA A 41 -20.43 -1.20 -10.04
CA ALA A 41 -21.48 -1.56 -10.99
C ALA A 41 -20.95 -2.46 -12.09
N SER A 42 -19.70 -2.29 -12.51
CA SER A 42 -19.21 -3.08 -13.65
C SER A 42 -19.20 -4.59 -13.43
N GLN A 43 -18.85 -5.05 -12.24
CA GLN A 43 -18.66 -6.50 -12.01
C GLN A 43 -17.56 -7.11 -12.90
N ARG A 44 -16.53 -6.32 -13.14
CA ARG A 44 -15.42 -6.67 -14.02
C ARG A 44 -14.10 -6.29 -13.37
N MET A 45 -13.05 -7.06 -13.67
CA MET A 45 -11.72 -6.62 -13.36
C MET A 45 -11.43 -5.46 -14.28
N GLU A 46 -10.84 -4.38 -13.77
CA GLU A 46 -10.56 -3.15 -14.52
C GLU A 46 -9.11 -2.76 -14.60
N PRO A 47 -8.74 -2.10 -15.71
CA PRO A 47 -7.41 -1.59 -15.81
C PRO A 47 -7.09 -0.40 -14.89
N ARG A 48 -5.86 -0.36 -14.36
CA ARG A 48 -5.40 0.79 -13.55
C ARG A 48 -3.99 1.23 -13.86
N ALA A 49 -3.40 0.67 -14.91
CA ALA A 49 -2.22 1.21 -15.51
C ALA A 49 -2.42 1.27 -17.08
N PRO A 50 -1.68 2.15 -17.80
CA PRO A 50 -1.83 2.23 -19.28
C PRO A 50 -1.44 0.96 -20.04
N TRP A 51 -0.37 0.31 -19.62
CA TRP A 51 0.22 -0.81 -20.33
C TRP A 51 -0.64 -2.12 -20.29
N ILE A 52 -1.62 -2.19 -19.38
CA ILE A 52 -2.44 -3.39 -19.24
C ILE A 52 -3.62 -3.30 -20.18
N GLU A 53 -3.87 -2.08 -20.70
CA GLU A 53 -5.03 -1.85 -21.50
C GLU A 53 -4.89 -2.52 -22.82
N GLN A 54 -3.67 -2.86 -23.24
CA GLN A 54 -3.54 -3.68 -24.45
C GLN A 54 -4.02 -5.14 -24.35
N GLU A 55 -4.35 -5.63 -23.16
CA GLU A 55 -4.96 -6.97 -23.07
C GLU A 55 -6.40 -7.06 -23.66
N GLY A 56 -6.66 -8.14 -24.37
CA GLY A 56 -7.94 -8.27 -25.03
C GLY A 56 -8.98 -8.92 -24.16
N PRO A 57 -10.21 -9.01 -24.69
CA PRO A 57 -11.40 -9.41 -23.90
C PRO A 57 -11.30 -10.76 -23.24
N GLU A 58 -10.58 -11.69 -23.84
CA GLU A 58 -10.42 -13.00 -23.22
C GLU A 58 -9.67 -12.89 -21.90
N TYR A 59 -8.58 -12.12 -21.90
CA TYR A 59 -7.85 -11.78 -20.67
C TYR A 59 -8.80 -11.28 -19.57
N TRP A 60 -9.57 -10.23 -19.88
CA TRP A 60 -10.43 -9.55 -18.87
C TRP A 60 -11.58 -10.43 -18.39
N ASP A 61 -12.12 -11.28 -19.26
CA ASP A 61 -13.15 -12.22 -18.86
C ASP A 61 -12.61 -13.24 -17.87
N GLN A 62 -11.40 -13.75 -18.15
CA GLN A 62 -10.81 -14.76 -17.31
C GLN A 62 -10.41 -14.18 -15.94
N GLU A 63 -9.81 -13.01 -15.98
CA GLU A 63 -9.38 -12.34 -14.76
C GLU A 63 -10.56 -12.05 -13.90
N THR A 64 -11.65 -11.63 -14.52
CA THR A 64 -12.93 -11.41 -13.83
C THR A 64 -13.52 -12.67 -13.21
N ARG A 65 -13.46 -13.76 -13.96
CA ARG A 65 -13.88 -15.05 -13.43
C ARG A 65 -13.06 -15.44 -12.21
N ASN A 66 -11.72 -15.32 -12.32
CA ASN A 66 -10.84 -15.64 -11.18
C ASN A 66 -11.21 -14.94 -9.91
N VAL A 67 -11.41 -13.62 -9.99
CA VAL A 67 -11.63 -12.88 -8.79
C VAL A 67 -13.01 -13.09 -8.25
N LYS A 68 -13.99 -13.26 -9.13
CA LYS A 68 -15.32 -13.58 -8.67
C LYS A 68 -15.28 -14.93 -7.98
N ALA A 69 -14.53 -15.93 -8.48
CA ALA A 69 -14.50 -17.23 -7.79
C ALA A 69 -13.81 -17.09 -6.43
N GLN A 70 -12.73 -16.30 -6.34
CA GLN A 70 -12.11 -16.09 -5.03
C GLN A 70 -13.07 -15.43 -4.07
N SER A 71 -13.86 -14.46 -4.53
CA SER A 71 -14.81 -13.82 -3.62
C SER A 71 -15.85 -14.79 -3.06
N GLN A 72 -16.25 -15.77 -3.87
CA GLN A 72 -17.24 -16.77 -3.39
C GLN A 72 -16.60 -17.70 -2.39
N THR A 73 -15.40 -18.16 -2.72
CA THR A 73 -14.62 -18.92 -1.75
C THR A 73 -14.43 -18.21 -0.42
N ASP A 74 -14.08 -16.93 -0.47
CA ASP A 74 -13.87 -16.18 0.76
C ASP A 74 -15.14 -16.06 1.55
N ARG A 75 -16.25 -15.95 0.83
CA ARG A 75 -17.56 -15.81 1.44
C ARG A 75 -17.83 -17.02 2.35
N VAL A 76 -17.57 -18.20 1.82
CA VAL A 76 -17.80 -19.47 2.59
C VAL A 76 -16.78 -19.52 3.73
N ASP A 77 -15.54 -19.12 3.44
CA ASP A 77 -14.44 -19.21 4.43
C ASP A 77 -14.70 -18.33 5.59
N LEU A 78 -15.35 -17.18 5.36
CA LEU A 78 -15.69 -16.24 6.42
C LEU A 78 -16.61 -16.91 7.43
N GLY A 79 -17.59 -17.68 6.92
CA GLY A 79 -18.44 -18.50 7.80
C GLY A 79 -17.68 -19.62 8.52
N THR A 80 -16.79 -20.30 7.81
CA THR A 80 -16.04 -21.35 8.43
C THR A 80 -15.12 -20.85 9.54
N LEU A 81 -14.38 -19.78 9.27
CA LEU A 81 -13.49 -19.28 10.28
C LEU A 81 -14.26 -18.71 11.45
N ARG A 82 -15.41 -18.10 11.23
CA ARG A 82 -16.21 -17.62 12.36
C ARG A 82 -16.51 -18.82 13.28
N GLY A 83 -16.90 -19.94 12.68
CA GLY A 83 -17.10 -21.19 13.44
C GLY A 83 -15.84 -21.69 14.17
N TYR A 84 -14.68 -21.68 13.52
CA TYR A 84 -13.46 -22.18 14.10
C TYR A 84 -13.11 -21.39 15.35
N TYR A 85 -13.37 -20.06 15.37
CA TYR A 85 -13.00 -19.21 16.49
C TYR A 85 -14.22 -18.96 17.40
N ASN A 86 -15.32 -19.65 17.15
CA ASN A 86 -16.53 -19.55 17.97
CA ASN A 86 -16.51 -19.56 17.96
C ASN A 86 -17.03 -18.12 18.09
N GLN A 87 -17.19 -17.45 16.96
CA GLN A 87 -17.54 -16.04 17.00
C GLN A 87 -18.98 -15.84 16.69
N SER A 88 -19.59 -14.73 17.13
CA SER A 88 -21.01 -14.53 16.81
C SER A 88 -21.19 -14.20 15.32
N GLU A 89 -22.44 -14.40 14.86
CA GLU A 89 -22.89 -14.01 13.52
C GLU A 89 -22.92 -12.48 13.37
N ASP A 90 -22.89 -11.76 14.47
CA ASP A 90 -23.11 -10.30 14.51
C ASP A 90 -21.91 -9.45 14.14
N GLY A 91 -20.68 -9.94 14.28
CA GLY A 91 -19.49 -9.08 14.08
C GLY A 91 -18.96 -9.05 12.64
N SER A 92 -18.33 -7.94 12.26
CA SER A 92 -17.61 -7.90 10.97
C SER A 92 -16.24 -8.57 11.08
N HIS A 93 -15.85 -9.38 10.08
CA HIS A 93 -14.48 -9.96 10.07
C HIS A 93 -13.86 -9.84 8.68
N THR A 94 -12.56 -10.07 8.61
CA THR A 94 -11.76 -9.79 7.41
C THR A 94 -10.84 -10.95 7.04
N ILE A 95 -10.91 -11.41 5.80
CA ILE A 95 -9.90 -12.37 5.30
C ILE A 95 -9.09 -11.61 4.24
N GLN A 96 -7.77 -11.70 4.36
CA GLN A 96 -6.86 -11.01 3.41
C GLN A 96 -5.92 -12.07 2.85
N ILE A 97 -5.59 -11.93 1.57
CA ILE A 97 -4.75 -12.87 0.86
C ILE A 97 -3.79 -12.05 0.02
N MET A 98 -2.50 -12.29 0.23
CA MET A 98 -1.50 -11.70 -0.65
CA MET A 98 -1.46 -11.70 -0.56
C MET A 98 -0.73 -12.85 -1.27
N TYR A 99 -0.58 -12.78 -2.59
CA TYR A 99 0.27 -13.72 -3.31
C TYR A 99 1.05 -13.07 -4.47
N GLY A 100 2.05 -13.76 -4.94
CA GLY A 100 2.85 -13.23 -6.06
C GLY A 100 4.17 -13.90 -6.27
N CYS A 101 4.99 -13.34 -7.17
CA CYS A 101 6.27 -13.93 -7.48
C CYS A 101 7.28 -12.84 -7.72
N ASP A 102 8.53 -13.21 -7.57
CA ASP A 102 9.69 -12.31 -7.81
C ASP A 102 10.50 -12.90 -8.92
N VAL A 103 10.98 -12.04 -9.82
CA VAL A 103 11.93 -12.47 -10.85
C VAL A 103 13.18 -11.67 -10.73
N GLY A 104 14.29 -12.26 -11.13
CA GLY A 104 15.59 -11.56 -11.17
C GLY A 104 15.75 -10.64 -12.37
N PRO A 105 16.88 -9.90 -12.45
CA PRO A 105 17.28 -9.11 -13.67
C PRO A 105 17.15 -9.87 -15.02
N ASP A 106 17.50 -11.15 -15.05
CA ASP A 106 17.44 -11.99 -16.27
C ASP A 106 16.03 -12.52 -16.54
N GLY A 107 15.08 -12.27 -15.63
CA GLY A 107 13.72 -12.76 -15.82
C GLY A 107 13.41 -14.09 -15.18
N ARG A 108 14.39 -14.74 -14.56
CA ARG A 108 14.23 -16.04 -13.93
C ARG A 108 13.49 -15.93 -12.59
N PHE A 109 12.64 -16.90 -12.30
CA PHE A 109 11.96 -17.08 -11.02
C PHE A 109 12.94 -17.04 -9.87
N LEU A 110 12.71 -16.14 -8.91
CA LEU A 110 13.45 -16.11 -7.64
C LEU A 110 12.65 -16.71 -6.52
N ARG A 111 11.40 -16.30 -6.43
CA ARG A 111 10.56 -16.81 -5.39
C ARG A 111 9.08 -16.55 -5.49
N GLY A 112 8.33 -17.33 -4.71
CA GLY A 112 6.90 -17.27 -4.74
C GLY A 112 6.33 -17.13 -3.36
N TYR A 113 5.12 -16.54 -3.27
CA TYR A 113 4.52 -16.24 -1.99
C TYR A 113 3.03 -16.50 -2.09
N ARG A 114 2.46 -16.94 -0.98
CA ARG A 114 1.00 -16.91 -0.79
C ARG A 114 0.77 -16.97 0.73
N GLN A 115 0.11 -15.95 1.25
CA GLN A 115 -0.05 -15.78 2.72
C GLN A 115 -1.45 -15.22 2.99
N ASP A 116 -2.09 -15.73 4.04
CA ASP A 116 -3.50 -15.43 4.32
C ASP A 116 -3.58 -14.95 5.76
N ALA A 117 -4.48 -13.96 5.99
CA ALA A 117 -4.76 -13.41 7.33
C ALA A 117 -6.20 -13.49 7.69
N TYR A 118 -6.47 -13.51 8.99
CA TYR A 118 -7.83 -13.42 9.51
C TYR A 118 -7.84 -12.34 10.54
N ASP A 119 -8.69 -11.34 10.37
CA ASP A 119 -8.68 -10.15 11.25
C ASP A 119 -7.34 -9.46 11.44
N GLY A 120 -6.58 -9.37 10.34
CA GLY A 120 -5.37 -8.60 10.36
C GLY A 120 -4.18 -9.33 10.95
N LYS A 121 -4.32 -10.63 11.20
CA LYS A 121 -3.26 -11.45 11.79
C LYS A 121 -2.96 -12.65 10.92
N ASP A 122 -1.73 -13.12 10.89
CA ASP A 122 -1.39 -14.32 10.14
C ASP A 122 -2.37 -15.41 10.43
N TYR A 123 -2.79 -16.16 9.40
CA TYR A 123 -3.63 -17.29 9.55
C TYR A 123 -2.83 -18.53 9.05
N ILE A 124 -2.56 -18.57 7.77
CA ILE A 124 -1.78 -19.62 7.14
C ILE A 124 -0.92 -19.02 6.03
N ALA A 125 0.25 -19.63 5.83
CA ALA A 125 1.21 -19.20 4.84
C ALA A 125 1.91 -20.36 4.12
N LEU A 126 2.06 -20.22 2.83
CA LEU A 126 2.87 -21.16 2.04
C LEU A 126 4.32 -20.87 2.40
N ASN A 127 5.05 -21.92 2.78
CA ASN A 127 6.47 -21.73 3.10
C ASN A 127 7.27 -21.47 1.80
N GLU A 128 8.46 -20.93 1.96
CA GLU A 128 9.34 -20.61 0.84
C GLU A 128 9.58 -21.83 -0.09
N ASP A 129 9.60 -23.04 0.44
CA ASP A 129 9.72 -24.29 -0.39
C ASP A 129 8.56 -24.55 -1.33
N LEU A 130 7.43 -23.89 -1.10
CA LEU A 130 6.25 -23.97 -1.93
C LEU A 130 5.59 -25.34 -1.92
N ARG A 131 5.94 -26.16 -0.92
CA ARG A 131 5.39 -27.52 -0.76
C ARG A 131 4.73 -27.70 0.61
N SER A 132 4.91 -26.78 1.53
CA SER A 132 4.50 -26.95 2.92
C SER A 132 3.93 -25.65 3.45
N TRP A 133 3.15 -25.77 4.52
CA TRP A 133 2.38 -24.69 5.10
C TRP A 133 2.71 -24.47 6.55
N THR A 134 2.69 -23.20 6.98
CA THR A 134 2.79 -22.77 8.37
C THR A 134 1.43 -22.19 8.85
N ALA A 135 0.87 -22.77 9.92
CA ALA A 135 -0.40 -22.40 10.52
C ALA A 135 -0.10 -21.65 11.74
N ALA A 136 -0.78 -20.52 11.91
CA ALA A 136 -0.52 -19.64 13.03
C ALA A 136 -1.06 -20.18 14.36
N ASP A 137 -2.16 -20.91 14.28
CA ASP A 137 -2.94 -21.26 15.50
C ASP A 137 -3.74 -22.53 15.23
N MET A 138 -4.59 -22.95 16.18
CA MET A 138 -5.26 -24.25 16.00
C MET A 138 -6.32 -24.20 14.87
N ALA A 139 -6.99 -23.09 14.69
CA ALA A 139 -7.99 -22.96 13.58
C ALA A 139 -7.25 -23.19 12.26
N ALA A 140 -6.16 -22.46 12.06
CA ALA A 140 -5.39 -22.63 10.82
C ALA A 140 -4.78 -24.00 10.65
N GLN A 141 -4.57 -24.75 11.74
CA GLN A 141 -4.16 -26.16 11.62
C GLN A 141 -5.23 -27.00 10.96
N ILE A 142 -6.48 -26.70 11.19
CA ILE A 142 -7.58 -27.43 10.52
C ILE A 142 -7.50 -27.20 8.98
N THR A 143 -7.33 -25.93 8.63
CA THR A 143 -7.13 -25.57 7.22
C THR A 143 -5.95 -26.24 6.63
N LYS A 144 -4.86 -26.18 7.34
CA LYS A 144 -3.60 -26.82 6.90
C LYS A 144 -3.76 -28.34 6.55
N ARG A 145 -4.44 -29.04 7.44
CA ARG A 145 -4.74 -30.45 7.25
C ARG A 145 -5.58 -30.64 5.96
N LYS A 146 -6.65 -29.86 5.77
CA LYS A 146 -7.49 -29.91 4.53
C LYS A 146 -6.67 -29.63 3.29
N TRP A 147 -5.78 -28.64 3.40
CA TRP A 147 -4.97 -28.21 2.29
C TRP A 147 -3.89 -29.24 1.95
N GLU A 148 -3.38 -29.89 2.98
CA GLU A 148 -2.43 -31.00 2.74
C GLU A 148 -3.10 -32.14 1.98
N ALA A 149 -4.32 -32.48 2.40
CA ALA A 149 -5.08 -33.61 1.81
C ALA A 149 -5.50 -33.32 0.38
N ALA A 150 -5.86 -32.05 0.12
CA ALA A 150 -6.26 -31.64 -1.19
C ALA A 150 -5.08 -31.34 -2.07
N HIS A 151 -3.84 -31.48 -1.62
CA HIS A 151 -2.66 -31.12 -2.45
C HIS A 151 -2.69 -29.67 -3.01
N ALA A 152 -3.14 -28.74 -2.16
CA ALA A 152 -3.25 -27.31 -2.46
C ALA A 152 -1.91 -26.74 -2.87
N ALA A 153 -0.86 -27.16 -2.18
CA ALA A 153 0.44 -26.56 -2.44
C ALA A 153 0.93 -26.75 -3.88
N GLU A 154 0.57 -27.89 -4.50
CA GLU A 154 1.03 -28.24 -5.81
C GLU A 154 0.40 -27.31 -6.86
N GLN A 155 -0.89 -27.04 -6.70
CA GLN A 155 -1.65 -26.12 -7.55
C GLN A 155 -1.05 -24.69 -7.49
N GLN A 156 -0.67 -24.27 -6.31
CA GLN A 156 -0.24 -22.91 -6.12
C GLN A 156 1.16 -22.74 -6.64
N ARG A 157 2.01 -23.74 -6.42
CA ARG A 157 3.36 -23.66 -6.90
C ARG A 157 3.39 -23.57 -8.42
N ALA A 158 2.55 -24.36 -9.05
CA ALA A 158 2.51 -24.39 -10.50
C ALA A 158 2.14 -23.01 -11.04
N TYR A 159 1.10 -22.39 -10.49
CA TYR A 159 0.81 -20.95 -10.79
C TYR A 159 2.03 -20.04 -10.55
N LEU A 160 2.62 -20.11 -9.34
CA LEU A 160 3.70 -19.16 -8.95
C LEU A 160 4.95 -19.31 -9.81
N GLU A 161 5.23 -20.55 -10.21
CA GLU A 161 6.41 -20.86 -11.04
C GLU A 161 6.15 -20.73 -12.54
N GLY A 162 4.91 -20.62 -12.96
CA GLY A 162 4.55 -20.65 -14.37
C GLY A 162 3.87 -19.38 -14.81
N ARG A 163 2.55 -19.38 -14.78
CA ARG A 163 1.78 -18.18 -15.20
C ARG A 163 2.23 -16.91 -14.49
N CYS A 164 2.46 -16.98 -13.19
CA CYS A 164 2.80 -15.75 -12.45
C CYS A 164 4.01 -15.06 -13.04
N VAL A 165 5.07 -15.83 -13.21
CA VAL A 165 6.30 -15.35 -13.78
C VAL A 165 6.14 -14.95 -15.24
N GLU A 166 5.43 -15.76 -16.02
CA GLU A 166 5.29 -15.50 -17.47
C GLU A 166 4.60 -14.18 -17.72
N TRP A 167 3.54 -13.94 -16.97
CA TRP A 167 2.82 -12.72 -17.10
C TRP A 167 3.60 -11.51 -16.55
N LEU A 168 4.37 -11.70 -15.50
CA LEU A 168 5.15 -10.63 -14.96
C LEU A 168 6.15 -10.17 -16.06
N ARG A 169 6.78 -11.15 -16.72
CA ARG A 169 7.70 -10.82 -17.84
C ARG A 169 7.04 -10.09 -18.96
N ARG A 170 5.88 -10.57 -19.39
CA ARG A 170 5.02 -9.84 -20.34
C ARG A 170 4.75 -8.38 -19.95
N TYR A 171 4.33 -8.19 -18.69
CA TYR A 171 3.99 -6.84 -18.24
C TYR A 171 5.26 -5.97 -18.21
N LEU A 172 6.38 -6.51 -17.77
CA LEU A 172 7.59 -5.74 -17.70
C LEU A 172 8.05 -5.25 -19.09
N GLU A 173 7.81 -6.08 -20.10
CA GLU A 173 8.11 -5.74 -21.48
C GLU A 173 7.10 -4.75 -22.00
N ASN A 174 5.81 -5.03 -21.83
CA ASN A 174 4.76 -4.17 -22.38
C ASN A 174 4.68 -2.79 -21.69
N GLY A 175 5.05 -2.74 -20.41
CA GLY A 175 5.07 -1.45 -19.68
C GLY A 175 6.47 -0.96 -19.48
N LYS A 176 7.43 -1.41 -20.32
CA LYS A 176 8.84 -1.16 -19.98
C LYS A 176 9.14 0.34 -19.78
N GLU A 177 8.44 1.19 -20.52
CA GLU A 177 8.70 2.63 -20.43
C GLU A 177 8.43 3.21 -19.04
N THR A 178 7.51 2.61 -18.28
CA THR A 178 7.24 3.07 -16.92
C THR A 178 7.75 2.12 -15.82
N LEU A 179 7.55 0.82 -16.01
CA LEU A 179 7.99 -0.14 -15.01
C LEU A 179 9.45 -0.26 -14.94
N GLN A 180 10.16 -0.05 -16.05
CA GLN A 180 11.59 -0.25 -16.00
C GLN A 180 12.35 1.08 -15.91
N ARG A 181 11.62 2.17 -15.66
CA ARG A 181 12.17 3.51 -15.43
C ARG A 181 12.64 3.62 -13.98
N THR A 182 13.64 4.45 -13.75
CA THR A 182 13.90 4.99 -12.42
C THR A 182 13.75 6.53 -12.51
N ASP A 183 13.04 7.10 -11.53
CA ASP A 183 12.93 8.53 -11.36
C ASP A 183 13.65 8.78 -10.07
N PRO A 184 14.71 9.53 -10.22
CA PRO A 184 15.62 9.85 -9.18
C PRO A 184 14.87 10.88 -8.32
N PRO A 185 15.13 10.90 -7.01
CA PRO A 185 14.53 11.93 -6.18
C PRO A 185 15.06 13.31 -6.50
N LYS A 186 14.16 14.27 -6.51
CA LYS A 186 14.54 15.69 -6.51
C LYS A 186 14.55 16.12 -5.06
N THR A 187 15.67 16.66 -4.62
CA THR A 187 15.94 16.90 -3.22
C THR A 187 16.04 18.40 -2.86
N HIS A 188 15.63 18.75 -1.66
CA HIS A 188 15.97 20.07 -1.14
C HIS A 188 15.88 20.00 0.38
N MET A 189 16.27 21.08 0.98
CA MET A 189 16.22 21.28 2.43
C MET A 189 15.30 22.44 2.76
N THR A 190 14.59 22.31 3.89
CA THR A 190 13.96 23.37 4.58
C THR A 190 14.51 23.53 5.99
N HIS A 191 14.21 24.70 6.56
CA HIS A 191 14.83 25.14 7.83
C HIS A 191 13.86 26.08 8.53
N HIS A 192 13.49 25.76 9.79
CA HIS A 192 12.58 26.56 10.58
C HIS A 192 13.14 26.74 11.98
N PRO A 193 13.46 27.96 12.36
CA PRO A 193 13.63 28.25 13.80
C PRO A 193 12.48 27.78 14.66
N ILE A 194 12.79 27.09 15.76
CA ILE A 194 11.83 26.74 16.82
C ILE A 194 11.93 27.75 18.01
N SER A 195 13.13 28.19 18.33
CA SER A 195 13.39 29.19 19.37
C SER A 195 14.67 29.84 18.92
N ASP A 196 15.25 30.71 19.74
CA ASP A 196 16.54 31.36 19.41
C ASP A 196 17.73 30.43 19.47
N HIS A 197 17.53 29.23 20.01
CA HIS A 197 18.60 28.25 20.18
C HIS A 197 18.30 26.80 19.63
N GLU A 198 17.13 26.57 19.02
CA GLU A 198 16.88 25.28 18.28
C GLU A 198 16.25 25.62 16.89
N ALA A 199 16.53 24.76 15.91
CA ALA A 199 15.93 24.89 14.56
C ALA A 199 15.72 23.50 13.96
N THR A 200 14.61 23.31 13.23
CA THR A 200 14.43 22.10 12.42
C THR A 200 15.11 22.24 11.06
N LEU A 201 15.86 21.21 10.69
CA LEU A 201 16.36 20.96 9.34
C LEU A 201 15.56 19.77 8.75
N ARG A 202 14.88 19.97 7.62
CA ARG A 202 14.08 18.90 7.03
C ARG A 202 14.64 18.67 5.64
N CYS A 203 14.96 17.40 5.36
CA CYS A 203 15.54 16.97 4.08
C CYS A 203 14.48 16.27 3.26
N TRP A 204 14.23 16.77 2.05
CA TRP A 204 13.14 16.30 1.23
C TRP A 204 13.60 15.50 0.03
N ALA A 205 12.90 14.38 -0.25
CA ALA A 205 13.03 13.60 -1.51
C ALA A 205 11.64 13.54 -2.18
N LEU A 206 11.52 14.08 -3.40
CA LEU A 206 10.31 14.15 -4.14
C LEU A 206 10.47 13.55 -5.56
N GLY A 207 9.35 13.09 -6.07
CA GLY A 207 9.23 12.61 -7.43
C GLY A 207 9.97 11.33 -7.74
N PHE A 208 10.15 10.44 -6.77
CA PHE A 208 11.04 9.28 -7.00
C PHE A 208 10.23 8.02 -7.29
N TYR A 209 10.85 7.13 -8.06
CA TYR A 209 10.25 5.81 -8.41
C TYR A 209 11.41 4.87 -8.65
N PRO A 210 11.45 3.68 -8.05
CA PRO A 210 10.45 3.12 -7.14
C PRO A 210 10.52 3.66 -5.73
N ALA A 211 9.59 3.18 -4.89
CA ALA A 211 9.40 3.71 -3.52
C ALA A 211 10.58 3.55 -2.61
N GLU A 212 11.37 2.54 -2.82
CA GLU A 212 12.49 2.29 -1.92
C GLU A 212 13.51 3.43 -1.91
N ILE A 213 13.86 3.91 -0.72
CA ILE A 213 14.79 5.02 -0.60
C ILE A 213 15.38 5.03 0.79
N THR A 214 16.56 5.62 0.97
CA THR A 214 17.13 5.83 2.29
C THR A 214 17.53 7.29 2.41
N LEU A 215 16.97 7.93 3.44
CA LEU A 215 17.33 9.25 3.94
C LEU A 215 17.96 9.17 5.31
N THR A 216 19.18 9.69 5.46
CA THR A 216 19.87 9.70 6.74
C THR A 216 20.52 11.07 7.03
N TRP A 217 20.49 11.43 8.31
CA TRP A 217 21.17 12.59 8.85
C TRP A 217 22.45 12.19 9.61
N GLN A 218 23.53 12.94 9.37
CA GLN A 218 24.79 12.81 10.13
C GLN A 218 25.10 14.14 10.78
N ARG A 219 25.84 14.08 11.91
CA ARG A 219 26.45 15.25 12.62
C ARG A 219 27.96 14.94 12.66
N ASP A 220 28.76 15.79 12.00
CA ASP A 220 30.21 15.58 11.92
C ASP A 220 30.58 14.20 11.34
N GLY A 221 29.70 13.60 10.55
CA GLY A 221 29.92 12.25 10.03
C GLY A 221 29.29 11.13 10.83
N GLU A 222 28.77 11.45 12.00
CA GLU A 222 28.20 10.43 12.89
C GLU A 222 26.75 10.35 12.52
N ASP A 223 26.21 9.13 12.37
CA ASP A 223 24.79 8.96 12.09
C ASP A 223 23.96 9.48 13.25
N GLN A 224 22.88 10.21 12.95
CA GLN A 224 21.98 10.76 13.97
C GLN A 224 20.69 10.03 13.92
N THR A 225 20.75 8.73 13.67
CA THR A 225 19.58 7.90 13.46
C THR A 225 18.57 8.06 14.59
N GLN A 226 19.05 8.01 15.83
CA GLN A 226 18.20 8.01 17.03
C GLN A 226 17.50 9.39 17.19
N ASP A 227 18.07 10.47 16.65
CA ASP A 227 17.48 11.83 16.71
C ASP A 227 16.82 12.33 15.40
N THR A 228 16.58 11.42 14.49
CA THR A 228 15.96 11.77 13.21
C THR A 228 14.47 11.45 13.21
N GLU A 229 13.62 12.41 12.84
CA GLU A 229 12.19 12.15 12.57
C GLU A 229 12.04 11.76 11.10
N LEU A 230 11.47 10.60 10.84
CA LEU A 230 11.20 10.15 9.46
C LEU A 230 9.73 10.08 9.31
N VAL A 231 9.24 10.38 8.12
CA VAL A 231 7.91 10.00 7.78
C VAL A 231 7.91 8.77 6.88
N GLU A 232 6.82 8.02 6.97
CA GLU A 232 6.58 6.90 6.06
C GLU A 232 6.63 7.39 4.62
N THR A 233 7.23 6.61 3.75
CA THR A 233 7.25 6.95 2.31
C THR A 233 5.83 6.99 1.79
N ARG A 234 5.48 8.00 1.04
CA ARG A 234 4.12 8.26 0.69
C ARG A 234 3.96 8.54 -0.80
N PRO A 235 2.81 8.15 -1.35
CA PRO A 235 2.49 8.39 -2.74
C PRO A 235 2.16 9.87 -3.06
N ALA A 236 2.75 10.40 -4.13
CA ALA A 236 2.43 11.78 -4.62
C ALA A 236 1.09 11.81 -5.33
N GLY A 237 0.69 10.66 -5.86
CA GLY A 237 -0.55 10.54 -6.58
C GLY A 237 -0.38 10.45 -8.06
N ASP A 238 0.86 10.59 -8.55
CA ASP A 238 1.10 10.59 -10.03
C ASP A 238 1.94 9.38 -10.42
N GLY A 239 2.05 8.43 -9.50
CA GLY A 239 2.97 7.32 -9.62
C GLY A 239 4.36 7.47 -9.01
N THR A 240 4.74 8.65 -8.48
CA THR A 240 6.00 8.79 -7.77
C THR A 240 5.73 8.92 -6.24
N PHE A 241 6.77 8.89 -5.47
CA PHE A 241 6.69 8.89 -4.02
C PHE A 241 7.47 10.08 -3.44
N GLN A 242 7.25 10.29 -2.16
CA GLN A 242 7.85 11.38 -1.38
C GLN A 242 8.25 10.86 -0.01
N LYS A 243 9.31 11.44 0.52
CA LYS A 243 9.73 11.18 1.90
C LYS A 243 10.49 12.36 2.42
N TRP A 244 10.51 12.52 3.73
CA TRP A 244 11.38 13.50 4.38
C TRP A 244 11.89 12.99 5.72
N ALA A 245 13.00 13.56 6.15
CA ALA A 245 13.67 13.26 7.42
C ALA A 245 14.11 14.58 8.03
N ALA A 246 13.88 14.72 9.32
CA ALA A 246 14.17 15.96 10.01
C ALA A 246 14.89 15.72 11.32
N VAL A 247 15.74 16.70 11.66
CA VAL A 247 16.47 16.76 12.92
C VAL A 247 16.35 18.15 13.51
N VAL A 248 16.32 18.20 14.84
CA VAL A 248 16.28 19.44 15.60
C VAL A 248 17.73 19.75 15.94
N VAL A 249 18.25 20.88 15.47
CA VAL A 249 19.66 21.19 15.64
C VAL A 249 19.88 22.40 16.57
N PRO A 250 20.89 22.32 17.43
CA PRO A 250 21.15 23.53 18.22
C PRO A 250 21.54 24.66 17.28
N SER A 251 20.88 25.79 17.45
CA SER A 251 20.89 26.88 16.49
C SER A 251 22.30 27.46 16.30
N GLY A 252 22.66 27.70 15.04
CA GLY A 252 24.03 27.96 14.69
C GLY A 252 24.85 26.74 14.31
N GLU A 253 24.45 25.51 14.69
CA GLU A 253 25.29 24.32 14.34
C GLU A 253 24.90 23.60 13.03
N GLU A 254 24.13 24.25 12.15
CA GLU A 254 23.56 23.59 10.94
C GLU A 254 24.59 22.99 9.96
N GLN A 255 25.67 23.74 9.68
CA GLN A 255 26.77 23.29 8.77
C GLN A 255 27.45 21.94 9.15
N ARG A 256 27.27 21.51 10.40
CA ARG A 256 27.73 20.18 10.86
C ARG A 256 26.85 18.99 10.46
N TYR A 257 25.62 19.27 10.01
CA TYR A 257 24.67 18.24 9.68
C TYR A 257 24.62 18.07 8.17
N THR A 258 24.61 16.81 7.72
CA THR A 258 24.47 16.48 6.32
C THR A 258 23.36 15.45 6.19
N CYS A 259 22.52 15.65 5.18
CA CYS A 259 21.49 14.69 4.84
C CYS A 259 22.00 13.85 3.66
N HIS A 260 21.77 12.53 3.75
CA HIS A 260 22.25 11.57 2.76
C HIS A 260 21.11 10.83 2.10
N VAL A 261 21.11 10.77 0.78
CA VAL A 261 19.95 10.28 0.06
C VAL A 261 20.48 9.16 -0.82
N GLN A 262 19.97 7.93 -0.58
CA GLN A 262 20.27 6.78 -1.42
C GLN A 262 19.02 6.31 -2.12
N HIS A 263 19.17 6.15 -3.43
CA HIS A 263 18.13 5.70 -4.28
C HIS A 263 18.72 5.06 -5.56
N GLU A 264 18.06 4.00 -6.02
CA GLU A 264 18.45 3.29 -7.28
C GLU A 264 18.62 4.16 -8.55
N GLY A 265 17.92 5.27 -8.61
CA GLY A 265 17.98 6.23 -9.69
C GLY A 265 19.14 7.21 -9.67
N LEU A 266 19.89 7.26 -8.57
CA LEU A 266 20.97 8.22 -8.48
C LEU A 266 22.28 7.53 -8.93
N PRO A 267 22.99 8.13 -9.91
CA PRO A 267 24.34 7.61 -10.22
C PRO A 267 25.22 7.51 -8.96
N LYS A 268 25.03 8.45 -8.02
CA LYS A 268 25.72 8.43 -6.72
C LYS A 268 24.78 8.95 -5.66
N PRO A 269 24.92 8.49 -4.41
CA PRO A 269 24.13 9.04 -3.27
C PRO A 269 24.30 10.57 -3.08
N LEU A 270 23.22 11.29 -2.86
CA LEU A 270 23.33 12.72 -2.67
C LEU A 270 23.56 13.06 -1.22
N THR A 271 24.43 14.04 -1.03
CA THR A 271 24.61 14.73 0.25
C THR A 271 24.05 16.17 0.20
N LEU A 272 23.34 16.58 1.24
CA LEU A 272 22.81 17.96 1.35
C LEU A 272 23.23 18.54 2.68
N ARG A 273 23.56 19.83 2.67
CA ARG A 273 24.01 20.53 3.87
C ARG A 273 23.43 21.95 3.81
N TRP A 274 22.78 22.42 4.89
CA TRP A 274 22.26 23.81 4.99
C TRP A 274 23.33 24.84 5.36
N ILE B 1 -8.29 -7.06 17.62
CA ILE B 1 -7.06 -6.38 17.07
C ILE B 1 -7.28 -5.26 15.99
N GLN B 2 -7.43 -4.05 16.47
CA GLN B 2 -7.56 -2.86 15.67
C GLN B 2 -6.27 -2.07 15.73
N ARG B 3 -6.04 -1.30 14.68
CA ARG B 3 -4.88 -0.47 14.56
C ARG B 3 -5.29 0.85 14.00
N THR B 4 -4.85 1.92 14.65
CA THR B 4 -5.34 3.24 14.30
C THR B 4 -4.54 3.81 13.12
N PRO B 5 -5.16 4.60 12.26
CA PRO B 5 -4.42 5.11 11.07
C PRO B 5 -3.33 6.09 11.38
N LYS B 6 -2.19 6.00 10.69
CA LYS B 6 -1.29 7.09 10.49
C LYS B 6 -1.86 7.99 9.39
N ILE B 7 -1.70 9.29 9.57
CA ILE B 7 -2.33 10.28 8.71
C ILE B 7 -1.30 11.31 8.25
N GLN B 8 -1.09 11.44 6.94
CA GLN B 8 -0.28 12.57 6.40
C GLN B 8 -1.08 13.36 5.44
N VAL B 9 -0.96 14.68 5.51
CA VAL B 9 -1.76 15.58 4.71
C VAL B 9 -0.76 16.45 3.97
N TYR B 10 -0.82 16.50 2.66
CA TYR B 10 0.25 17.13 1.89
C TYR B 10 -0.16 17.40 0.44
N SER B 11 0.64 18.21 -0.25
CA SER B 11 0.35 18.53 -1.63
C SER B 11 1.26 17.67 -2.53
N ARG B 12 0.80 17.30 -3.70
CA ARG B 12 1.61 16.61 -4.69
C ARG B 12 2.93 17.32 -5.02
N HIS B 13 2.86 18.65 -5.19
CA HIS B 13 4.07 19.46 -5.45
C HIS B 13 4.13 20.55 -4.37
N PRO B 14 5.33 21.10 -4.15
CA PRO B 14 5.45 22.19 -3.18
C PRO B 14 4.42 23.30 -3.52
N ALA B 15 3.72 23.82 -2.54
CA ALA B 15 2.58 24.66 -2.77
C ALA B 15 3.04 26.03 -3.23
N GLU B 16 2.38 26.51 -4.26
CA GLU B 16 2.51 27.90 -4.73
C GLU B 16 1.11 28.48 -4.88
N ASN B 17 0.77 29.44 -4.03
CA ASN B 17 -0.54 30.15 -4.10
C ASN B 17 -0.92 30.54 -5.51
N GLY B 18 -2.13 30.24 -5.95
CA GLY B 18 -2.53 30.49 -7.32
C GLY B 18 -2.10 29.52 -8.39
N LYS B 19 -1.33 28.47 -8.03
CA LYS B 19 -0.97 27.43 -9.00
C LYS B 19 -1.66 26.13 -8.63
N SER B 20 -2.29 25.53 -9.64
CA SER B 20 -3.04 24.31 -9.50
C SER B 20 -2.17 23.16 -9.01
N ASN B 21 -2.74 22.36 -8.13
CA ASN B 21 -1.94 21.33 -7.41
C ASN B 21 -2.90 20.20 -6.96
N PHE B 22 -2.42 19.28 -6.15
CA PHE B 22 -3.34 18.23 -5.62
C PHE B 22 -3.16 18.18 -4.14
N LEU B 23 -4.25 18.18 -3.39
CA LEU B 23 -4.18 17.98 -1.94
C LEU B 23 -4.39 16.51 -1.67
N ASN B 24 -3.47 15.93 -0.92
CA ASN B 24 -3.47 14.53 -0.59
C ASN B 24 -3.73 14.33 0.90
N CYS B 25 -4.46 13.28 1.21
CA CYS B 25 -4.49 12.74 2.56
C CYS B 25 -4.26 11.24 2.49
N TYR B 26 -3.13 10.82 3.04
CA TYR B 26 -2.70 9.43 2.98
C TYR B 26 -2.88 8.80 4.37
N VAL B 27 -3.68 7.72 4.42
CA VAL B 27 -3.93 7.02 5.63
C VAL B 27 -3.38 5.64 5.50
N SER B 28 -2.67 5.19 6.54
CA SER B 28 -1.99 3.93 6.49
C SER B 28 -1.86 3.27 7.85
N GLY B 29 -1.52 1.98 7.88
CA GLY B 29 -1.23 1.30 9.15
C GLY B 29 -2.49 0.92 9.91
N PHE B 30 -3.67 0.95 9.26
CA PHE B 30 -4.93 0.84 10.01
C PHE B 30 -5.61 -0.53 9.78
N HIS B 31 -6.42 -0.91 10.77
CA HIS B 31 -7.26 -2.11 10.65
C HIS B 31 -8.41 -1.94 11.68
N PRO B 32 -9.68 -2.21 11.34
CA PRO B 32 -10.09 -2.76 10.04
C PRO B 32 -10.11 -1.73 8.91
N SER B 33 -10.52 -2.18 7.70
CA SER B 33 -10.43 -1.33 6.47
C SER B 33 -11.51 -0.26 6.44
N ASP B 34 -12.64 -0.48 7.11
CA ASP B 34 -13.73 0.48 7.16
CA ASP B 34 -13.73 0.49 7.18
C ASP B 34 -13.21 1.85 7.71
N ILE B 35 -13.33 2.87 6.91
CA ILE B 35 -12.80 4.17 7.27
C ILE B 35 -13.48 5.26 6.43
N GLU B 36 -13.50 6.49 6.96
CA GLU B 36 -13.96 7.63 6.19
C GLU B 36 -12.93 8.70 6.27
N VAL B 37 -12.59 9.24 5.11
CA VAL B 37 -11.58 10.28 4.98
C VAL B 37 -12.20 11.47 4.18
N ASP B 38 -12.23 12.65 4.82
CA ASP B 38 -12.77 13.85 4.17
C ASP B 38 -11.71 14.95 4.13
N LEU B 39 -11.67 15.67 3.04
CA LEU B 39 -10.82 16.85 2.95
C LEU B 39 -11.71 18.07 3.22
N LEU B 40 -11.20 18.98 4.05
CA LEU B 40 -11.94 20.14 4.55
C LEU B 40 -11.18 21.34 4.04
N LYS B 41 -11.92 22.30 3.47
CA LYS B 41 -11.47 23.65 3.13
C LYS B 41 -12.15 24.65 4.07
N ASN B 42 -11.38 25.38 4.84
CA ASN B 42 -11.94 26.29 5.88
C ASN B 42 -13.03 25.67 6.78
N GLY B 43 -12.87 24.39 7.14
CA GLY B 43 -13.86 23.65 7.95
C GLY B 43 -15.01 22.97 7.20
N GLU B 44 -15.10 23.18 5.89
CA GLU B 44 -16.21 22.69 5.04
C GLU B 44 -15.72 21.51 4.17
N ARG B 45 -16.47 20.42 4.16
CA ARG B 45 -16.10 19.21 3.45
C ARG B 45 -16.16 19.48 1.95
N ILE B 46 -15.06 19.25 1.27
CA ILE B 46 -15.00 19.32 -0.18
C ILE B 46 -15.76 18.14 -0.77
N GLU B 47 -16.56 18.44 -1.78
CA GLU B 47 -17.54 17.47 -2.33
C GLU B 47 -16.82 16.42 -3.19
N LYS B 48 -15.89 16.85 -4.04
CA LYS B 48 -15.29 16.01 -5.07
C LYS B 48 -13.91 15.58 -4.57
N VAL B 49 -13.89 14.39 -3.97
CA VAL B 49 -12.62 13.76 -3.49
C VAL B 49 -12.64 12.30 -4.00
N GLU B 50 -11.55 11.90 -4.62
CA GLU B 50 -11.35 10.52 -5.06
C GLU B 50 -10.31 9.80 -4.18
N HIS B 51 -10.26 8.50 -4.28
CA HIS B 51 -9.34 7.73 -3.50
C HIS B 51 -8.88 6.49 -4.27
N SER B 52 -7.75 5.97 -3.82
CA SER B 52 -7.09 4.83 -4.45
C SER B 52 -7.88 3.61 -4.04
N ASP B 53 -7.60 2.52 -4.71
CA ASP B 53 -8.22 1.24 -4.45
C ASP B 53 -7.53 0.64 -3.19
N LEU B 54 -8.36 0.09 -2.31
CA LEU B 54 -7.89 -0.53 -1.07
C LEU B 54 -6.79 -1.54 -1.26
N SER B 55 -5.68 -1.33 -0.58
CA SER B 55 -4.57 -2.29 -0.55
C SER B 55 -3.97 -2.35 0.85
N PHE B 56 -3.03 -3.23 1.05
CA PHE B 56 -2.46 -3.42 2.34
C PHE B 56 -0.98 -3.82 2.28
N SER B 57 -0.33 -3.63 3.41
CA SER B 57 1.11 -3.82 3.53
C SER B 57 1.40 -5.24 4.03
N LYS B 58 2.67 -5.55 4.06
CA LYS B 58 3.21 -6.85 4.55
C LYS B 58 2.68 -7.24 5.93
N ASP B 59 2.46 -6.22 6.76
CA ASP B 59 1.84 -6.42 8.09
C ASP B 59 0.31 -6.50 8.11
N TRP B 60 -0.32 -6.63 6.96
CA TRP B 60 -1.76 -6.64 6.78
C TRP B 60 -2.52 -5.30 7.01
N SER B 61 -1.83 -4.24 7.40
CA SER B 61 -2.51 -2.99 7.65
C SER B 61 -2.83 -2.31 6.31
N PHE B 62 -4.01 -1.67 6.27
CA PHE B 62 -4.48 -1.05 5.05
C PHE B 62 -3.90 0.34 4.81
N TYR B 63 -3.86 0.73 3.52
CA TYR B 63 -3.53 2.08 3.16
C TYR B 63 -4.40 2.58 2.02
N LEU B 64 -4.73 3.88 2.09
CA LEU B 64 -5.50 4.59 1.05
C LEU B 64 -4.94 6.03 0.87
N LEU B 65 -4.94 6.49 -0.38
CA LEU B 65 -4.72 7.88 -0.68
C LEU B 65 -6.03 8.54 -1.11
N TYR B 66 -6.39 9.63 -0.43
CA TYR B 66 -7.56 10.49 -0.77
C TYR B 66 -7.01 11.77 -1.36
N TYR B 67 -7.65 12.29 -2.38
CA TYR B 67 -7.06 13.42 -3.13
C TYR B 67 -8.06 14.23 -3.91
N THR B 68 -7.71 15.51 -4.09
CA THR B 68 -8.51 16.41 -4.89
C THR B 68 -7.59 17.47 -5.50
N GLU B 69 -7.88 17.87 -6.72
CA GLU B 69 -7.19 18.97 -7.44
C GLU B 69 -7.55 20.23 -6.71
N PHE B 70 -6.60 21.12 -6.47
CA PHE B 70 -6.91 22.40 -5.79
C PHE B 70 -5.86 23.43 -6.11
N THR B 71 -6.20 24.68 -5.78
CA THR B 71 -5.27 25.80 -6.05
C THR B 71 -5.15 26.50 -4.72
N PRO B 72 -4.00 26.34 -4.04
CA PRO B 72 -3.96 26.98 -2.71
C PRO B 72 -3.91 28.56 -2.79
N THR B 73 -4.36 29.21 -1.72
CA THR B 73 -4.33 30.67 -1.51
C THR B 73 -3.77 30.90 -0.11
N GLU B 74 -3.39 32.15 0.24
CA GLU B 74 -2.96 32.43 1.63
C GLU B 74 -4.11 32.31 2.64
N LYS B 75 -5.32 32.65 2.23
CA LYS B 75 -6.47 32.59 3.15
C LYS B 75 -6.92 31.13 3.45
N ASP B 76 -6.96 30.27 2.44
CA ASP B 76 -7.62 28.96 2.60
C ASP B 76 -6.83 27.98 3.47
N GLU B 77 -7.48 27.48 4.52
CA GLU B 77 -6.96 26.45 5.40
C GLU B 77 -7.47 25.08 4.86
N TYR B 78 -6.63 24.07 4.88
CA TYR B 78 -7.06 22.72 4.51
C TYR B 78 -6.75 21.76 5.64
N ALA B 79 -7.57 20.71 5.75
CA ALA B 79 -7.38 19.69 6.76
C ALA B 79 -7.95 18.39 6.22
N CYS B 80 -7.51 17.29 6.82
CA CYS B 80 -8.01 15.97 6.52
C CYS B 80 -8.67 15.45 7.78
N ARG B 81 -9.93 15.03 7.66
CA ARG B 81 -10.66 14.45 8.77
C ARG B 81 -10.81 12.97 8.53
N VAL B 82 -10.32 12.21 9.48
CA VAL B 82 -10.30 10.76 9.46
C VAL B 82 -11.22 10.17 10.55
N ASN B 83 -12.16 9.35 10.11
CA ASN B 83 -13.13 8.67 10.95
C ASN B 83 -12.92 7.14 10.91
N HIS B 84 -12.59 6.56 12.07
CA HIS B 84 -12.25 5.18 12.17
C HIS B 84 -12.64 4.68 13.55
N VAL B 85 -12.93 3.40 13.62
CA VAL B 85 -13.41 2.77 14.87
C VAL B 85 -12.42 2.90 16.05
N THR B 86 -11.13 3.08 15.78
CA THR B 86 -10.14 3.22 16.82
C THR B 86 -10.16 4.63 17.38
N LEU B 87 -10.93 5.53 16.78
CA LEU B 87 -10.89 6.95 17.24
C LEU B 87 -12.30 7.34 17.75
N SER B 88 -12.37 7.67 19.01
CA SER B 88 -13.67 7.93 19.66
C SER B 88 -14.30 9.19 19.03
N GLN B 89 -13.44 10.08 18.54
CA GLN B 89 -13.89 11.14 17.62
C GLN B 89 -13.00 11.30 16.40
N PRO B 90 -13.53 11.83 15.30
CA PRO B 90 -12.75 12.04 14.10
C PRO B 90 -11.53 12.87 14.36
N LYS B 91 -10.40 12.39 13.86
CA LYS B 91 -9.15 13.12 13.96
C LYS B 91 -9.02 14.08 12.83
N ILE B 92 -8.84 15.35 13.16
CA ILE B 92 -8.63 16.38 12.14
C ILE B 92 -7.17 16.79 12.05
N VAL B 93 -6.55 16.62 10.89
CA VAL B 93 -5.13 16.95 10.74
C VAL B 93 -5.02 18.06 9.73
N LYS B 94 -4.44 19.19 10.14
CA LYS B 94 -4.28 20.37 9.28
C LYS B 94 -3.13 20.15 8.27
N TRP B 95 -3.29 20.69 7.07
CA TRP B 95 -2.23 20.76 6.11
C TRP B 95 -1.17 21.82 6.52
N ASP B 96 0.04 21.35 6.81
CA ASP B 96 1.24 22.18 6.89
C ASP B 96 2.06 22.03 5.55
N ARG B 97 2.33 23.14 4.91
CA ARG B 97 2.99 23.16 3.60
C ARG B 97 4.42 22.64 3.60
N ASP B 98 5.05 22.53 4.79
CA ASP B 98 6.36 21.89 4.89
C ASP B 98 6.36 20.61 5.69
N MET B 99 5.33 19.81 5.51
CA MET B 99 5.32 18.45 6.07
C MET B 99 4.70 17.45 5.09
N SER C 1 -1.42 -11.57 -14.29
CA SER C 1 -2.49 -12.55 -14.43
C SER C 1 -2.65 -13.30 -13.08
N SER C 2 -3.88 -13.26 -12.60
CA SER C 2 -4.29 -13.78 -11.33
C SER C 2 -4.38 -15.28 -11.39
N CYS C 3 -4.37 -15.93 -10.23
CA CYS C 3 -4.50 -17.37 -10.23
C CYS C 3 -5.96 -17.79 -10.37
N SER C 4 -6.21 -18.88 -11.08
CA SER C 4 -7.58 -19.39 -11.26
C SER C 4 -7.84 -20.52 -10.27
N SER C 5 -6.95 -21.51 -10.29
CA SER C 5 -6.90 -22.60 -9.30
C SER C 5 -6.00 -22.24 -8.08
N CYS C 6 -6.63 -21.57 -7.09
CA CYS C 6 -6.04 -21.22 -5.78
C CYS C 6 -7.01 -21.60 -4.65
N PRO D 1 -13.61 -25.55 -3.47
CA PRO D 1 -12.23 -25.78 -3.08
C PRO D 1 -11.27 -24.67 -3.52
N LEU D 2 -10.05 -24.58 -3.00
CA LEU D 2 -9.60 -25.25 -1.77
C LEU D 2 -10.17 -24.47 -0.59
N SER D 3 -11.18 -25.03 0.08
CA SER D 3 -11.89 -24.33 1.17
C SER D 3 -10.99 -24.31 2.40
N LYS D 4 -11.17 -23.32 3.28
CA LYS D 4 -10.47 -23.27 4.54
C LYS D 4 -11.15 -24.18 5.56
C1 GOL E . 3.87 -4.25 -2.57
O1 GOL E . 4.33 -5.11 -3.60
C2 GOL E . 3.03 -3.17 -3.25
O2 GOL E . 2.15 -2.51 -2.32
C3 GOL E . 4.05 -2.24 -3.92
O3 GOL E . 4.22 -0.98 -3.29
C1 GOL F . 19.94 24.26 -0.23
O1 GOL F . 20.37 25.43 -0.91
C2 GOL F . 18.58 23.89 -0.74
O2 GOL F . 18.40 22.48 -0.60
C3 GOL F . 17.62 24.75 0.10
O3 GOL F . 16.26 24.42 -0.11
C1 GOL G . -16.23 4.94 13.14
O1 GOL G . -16.68 4.23 14.29
C2 GOL G . -17.31 5.14 12.01
O2 GOL G . -18.46 4.22 12.08
C3 GOL G . -16.63 5.08 10.65
O3 GOL G . -16.19 3.76 10.50
C1 GOL H . -12.38 1.08 2.35
O1 GOL H . -12.87 1.70 3.54
C2 GOL H . -13.11 1.70 1.15
O2 GOL H . -13.02 3.14 1.18
C3 GOL H . -12.49 1.17 -0.14
O3 GOL H . -13.14 1.69 -1.31
#